data_8EJS
#
_entry.id   8EJS
#
_cell.length_a   77.690
_cell.length_b   68.908
_cell.length_c   144.092
_cell.angle_alpha   90.000
_cell.angle_beta   90.851
_cell.angle_gamma   90.000
#
_symmetry.space_group_name_H-M   'I 1 2 1'
#
loop_
_entity.id
_entity.type
_entity.pdbx_description
1 polymer 'Kelch-like ECH-associated protein 1'
2 polymer 'Peptide from Nuclear factor erythroid 2-related factor 2'
3 water water
#
loop_
_entity_poly.entity_id
_entity_poly.type
_entity_poly.pdbx_seq_one_letter_code
_entity_poly.pdbx_strand_id
1 'polypeptide(L)'
;MGSSHHHHHHSSGGENLYFQGHMKPTQVMPSRAPKVGRLIYTAGGYFRQSLSYLEAYNPSDGTWLRLADLQVPRSGLAGC
VVGGLLYAVGGRNNSPDGNTDSSALDCYNPMTNQWSPCAPMSVPRNRIGVGVIDGHIYAVGGSHGCIHHNSVERYEPERD
EWHLVAPMLTRRIGVGVAVLNRLLYAVGGFDGTNRLNSAECYYPERNEWRMITAMNTIRSGAGVCVLHNCIYAAGGYDGQ
DQLNSVERYDVATATWTFVAPMKHRRSALGITVHQGRIYVLGGYDGHTFLDSVECYDPDTDTWSEVTRMTSGRSGVGVAV
TMEPSRKQIDQQNSTS
;
A,B
2 'polypeptide(L)' (BAL)DPETGE(NH2) C
#
# COMPACT_ATOMS: atom_id res chain seq x y z
N LEU A 39 -12.70 -33.35 -5.22
CA LEU A 39 -11.61 -33.41 -4.25
C LEU A 39 -10.78 -32.13 -4.25
N ILE A 40 -9.98 -31.93 -3.19
CA ILE A 40 -9.13 -30.76 -3.05
C ILE A 40 -7.68 -31.21 -3.29
N TYR A 41 -7.13 -30.85 -4.44
CA TYR A 41 -5.77 -31.24 -4.79
C TYR A 41 -4.79 -30.18 -4.31
N THR A 42 -3.76 -30.62 -3.59
CA THR A 42 -2.62 -29.80 -3.21
C THR A 42 -1.37 -30.37 -3.86
N ALA A 43 -0.60 -29.52 -4.52
CA ALA A 43 0.58 -29.91 -5.27
C ALA A 43 1.77 -29.06 -4.81
N GLY A 44 2.93 -29.72 -4.71
CA GLY A 44 4.16 -29.04 -4.34
C GLY A 44 4.13 -28.55 -2.90
N GLY A 45 4.82 -27.45 -2.67
CA GLY A 45 4.96 -26.87 -1.35
C GLY A 45 6.39 -26.89 -0.88
N TYR A 46 6.60 -26.44 0.36
CA TYR A 46 7.94 -26.38 0.93
C TYR A 46 7.97 -26.64 2.44
N PHE A 47 8.82 -27.58 2.84
CA PHE A 47 9.02 -27.94 4.24
C PHE A 47 10.50 -28.26 4.38
N ARG A 48 11.31 -27.19 4.35
CA ARG A 48 12.79 -27.16 4.43
C ARG A 48 13.52 -27.58 3.15
N GLN A 49 12.74 -27.81 2.09
CA GLN A 49 13.15 -28.22 0.75
C GLN A 49 11.87 -28.27 -0.07
N SER A 50 11.94 -27.97 -1.36
CA SER A 50 10.74 -28.01 -2.18
C SER A 50 10.21 -29.44 -2.31
N LEU A 51 8.90 -29.56 -2.41
CA LEU A 51 8.22 -30.84 -2.38
C LEU A 51 7.60 -31.17 -3.74
N SER A 52 7.38 -32.47 -3.96
CA SER A 52 6.75 -32.97 -5.16
C SER A 52 5.39 -33.60 -4.91
N TYR A 53 4.89 -33.55 -3.66
CA TYR A 53 3.65 -34.20 -3.32
C TYR A 53 2.49 -33.71 -4.17
N LEU A 54 1.62 -34.64 -4.57
CA LEU A 54 0.29 -34.32 -5.08
C LEU A 54 -0.69 -35.15 -4.26
N GLU A 55 -1.45 -34.49 -3.40
CA GLU A 55 -2.39 -35.18 -2.51
C GLU A 55 -3.77 -34.58 -2.68
N ALA A 56 -4.79 -35.41 -2.50
CA ALA A 56 -6.18 -35.00 -2.73
C ALA A 56 -7.00 -35.27 -1.49
N TYR A 57 -7.65 -34.24 -0.95
CA TYR A 57 -8.47 -34.36 0.25
C TYR A 57 -9.94 -34.53 -0.13
N ASN A 58 -10.60 -35.44 0.57
CA ASN A 58 -12.02 -35.70 0.39
C ASN A 58 -12.78 -35.15 1.60
N PRO A 59 -13.51 -34.04 1.45
CA PRO A 59 -14.12 -33.42 2.64
C PRO A 59 -15.18 -34.27 3.33
N SER A 60 -15.71 -35.30 2.67
CA SER A 60 -16.65 -36.21 3.33
C SER A 60 -16.01 -37.52 3.76
N ASP A 61 -15.10 -38.06 2.94
CA ASP A 61 -14.29 -39.20 3.39
C ASP A 61 -13.42 -38.83 4.57
N GLY A 62 -12.83 -37.64 4.52
CA GLY A 62 -11.74 -37.28 5.40
C GLY A 62 -10.39 -37.78 4.95
N THR A 63 -10.32 -38.59 3.90
CA THR A 63 -9.09 -39.23 3.47
C THR A 63 -8.19 -38.26 2.72
N TRP A 64 -6.90 -38.57 2.73
CA TRP A 64 -5.92 -37.98 1.83
C TRP A 64 -5.45 -39.05 0.86
N LEU A 65 -5.54 -38.77 -0.43
CA LEU A 65 -5.14 -39.67 -1.49
C LEU A 65 -3.80 -39.24 -2.05
N ARG A 66 -2.84 -40.16 -2.08
CA ARG A 66 -1.52 -39.87 -2.62
C ARG A 66 -1.49 -40.21 -4.11
N LEU A 67 -1.10 -39.25 -4.93
CA LEU A 67 -1.16 -39.38 -6.37
C LEU A 67 0.23 -39.22 -6.98
N ALA A 68 0.27 -39.21 -8.31
CA ALA A 68 1.54 -39.12 -9.03
C ALA A 68 2.32 -37.88 -8.63
N ASP A 69 3.58 -38.09 -8.25
CA ASP A 69 4.44 -36.98 -7.85
C ASP A 69 4.61 -36.00 -9.01
N LEU A 70 4.86 -34.74 -8.66
CA LEU A 70 5.26 -33.77 -9.66
C LEU A 70 6.57 -34.22 -10.31
N GLN A 71 6.70 -33.90 -11.60
CA GLN A 71 7.94 -34.18 -12.30
C GLN A 71 9.13 -33.53 -11.60
N VAL A 72 8.94 -32.31 -11.11
CA VAL A 72 10.00 -31.53 -10.46
C VAL A 72 9.47 -30.99 -9.14
N PRO A 73 10.24 -31.07 -8.06
CA PRO A 73 9.79 -30.47 -6.79
C PRO A 73 9.66 -28.95 -6.93
N ARG A 74 8.57 -28.41 -6.41
CA ARG A 74 8.26 -26.99 -6.59
C ARG A 74 7.53 -26.45 -5.38
N SER A 75 8.01 -25.31 -4.87
CA SER A 75 7.31 -24.52 -3.88
C SER A 75 6.97 -23.16 -4.49
N GLY A 76 5.98 -22.49 -3.89
CA GLY A 76 5.60 -21.18 -4.38
C GLY A 76 4.94 -21.19 -5.73
N LEU A 77 4.32 -22.31 -6.10
CA LEU A 77 3.60 -22.45 -7.35
C LEU A 77 2.13 -22.09 -7.13
N ALA A 78 1.35 -22.16 -8.22
CA ALA A 78 -0.08 -21.99 -8.12
C ALA A 78 -0.76 -23.16 -8.82
N GLY A 79 -1.99 -23.45 -8.39
CA GLY A 79 -2.79 -24.50 -8.99
C GLY A 79 -4.06 -23.93 -9.57
N CYS A 80 -4.55 -24.56 -10.63
CA CYS A 80 -5.86 -24.18 -11.17
C CYS A 80 -6.39 -25.35 -11.99
N VAL A 81 -7.63 -25.19 -12.47
CA VAL A 81 -8.32 -26.27 -13.15
C VAL A 81 -8.96 -25.72 -14.41
N VAL A 82 -8.64 -26.31 -15.56
CA VAL A 82 -9.29 -25.98 -16.82
C VAL A 82 -9.71 -27.27 -17.49
N GLY A 83 -10.97 -27.34 -17.90
CA GLY A 83 -11.49 -28.54 -18.54
C GLY A 83 -11.28 -29.80 -17.74
N GLY A 84 -11.41 -29.71 -16.42
CA GLY A 84 -11.22 -30.83 -15.54
C GLY A 84 -9.78 -31.23 -15.31
N LEU A 85 -8.81 -30.56 -15.93
CA LEU A 85 -7.40 -30.87 -15.79
C LEU A 85 -6.75 -29.91 -14.81
N LEU A 86 -5.84 -30.44 -13.98
CA LEU A 86 -5.22 -29.66 -12.92
C LEU A 86 -3.85 -29.17 -13.34
N TYR A 87 -3.66 -27.86 -13.35
CA TYR A 87 -2.40 -27.25 -13.75
C TYR A 87 -1.62 -26.76 -12.53
N ALA A 88 -0.33 -27.08 -12.54
CA ALA A 88 0.67 -26.51 -11.64
C ALA A 88 1.51 -25.51 -12.42
N VAL A 89 1.61 -24.28 -11.91
CA VAL A 89 2.19 -23.15 -12.62
C VAL A 89 3.29 -22.53 -11.77
N GLY A 90 4.46 -22.33 -12.37
CA GLY A 90 5.52 -21.54 -11.76
C GLY A 90 6.12 -22.21 -10.53
N GLY A 91 6.57 -21.38 -9.62
CA GLY A 91 7.18 -21.85 -8.39
C GLY A 91 8.70 -21.79 -8.44
N ARG A 92 9.31 -22.62 -7.59
CA ARG A 92 10.75 -22.66 -7.48
C ARG A 92 11.17 -24.01 -6.90
N ASN A 93 12.28 -24.54 -7.40
CA ASN A 93 12.88 -25.77 -6.89
C ASN A 93 14.00 -25.37 -5.94
N ASN A 94 13.73 -25.47 -4.64
CA ASN A 94 14.76 -25.41 -3.62
C ASN A 94 15.18 -26.84 -3.26
N SER A 95 16.44 -27.17 -3.52
CA SER A 95 16.97 -28.50 -3.24
C SER A 95 18.33 -28.34 -2.58
N PRO A 96 18.78 -29.34 -1.84
CA PRO A 96 20.17 -29.30 -1.34
C PRO A 96 21.19 -29.11 -2.44
N ASP A 97 20.90 -29.58 -3.65
CA ASP A 97 21.82 -29.43 -4.77
C ASP A 97 21.66 -28.09 -5.50
N GLY A 98 20.79 -27.20 -5.02
CA GLY A 98 20.66 -25.90 -5.64
C GLY A 98 19.24 -25.37 -5.73
N ASN A 99 19.11 -24.10 -6.09
CA ASN A 99 17.81 -23.45 -6.17
C ASN A 99 17.64 -22.82 -7.54
N THR A 100 16.47 -23.03 -8.14
CA THR A 100 16.16 -22.39 -9.41
C THR A 100 14.67 -22.12 -9.51
N ASP A 101 14.32 -20.89 -9.87
CA ASP A 101 12.93 -20.55 -10.13
C ASP A 101 12.45 -21.30 -11.38
N SER A 102 11.13 -21.39 -11.52
CA SER A 102 10.51 -22.25 -12.51
C SER A 102 9.55 -21.47 -13.37
N SER A 103 9.64 -21.68 -14.69
CA SER A 103 8.65 -21.19 -15.64
C SER A 103 7.73 -22.31 -16.10
N ALA A 104 7.85 -23.49 -15.52
CA ALA A 104 7.19 -24.67 -16.05
C ALA A 104 5.68 -24.61 -15.81
N LEU A 105 4.93 -25.11 -16.79
CA LEU A 105 3.51 -25.37 -16.64
C LEU A 105 3.30 -26.86 -16.85
N ASP A 106 2.71 -27.53 -15.86
CA ASP A 106 2.49 -28.96 -15.95
C ASP A 106 1.03 -29.26 -15.68
N CYS A 107 0.51 -30.30 -16.34
CA CYS A 107 -0.92 -30.61 -16.32
C CYS A 107 -1.12 -32.04 -15.88
N TYR A 108 -2.03 -32.24 -14.93
CA TYR A 108 -2.32 -33.53 -14.33
C TYR A 108 -3.72 -33.95 -14.71
N ASN A 109 -3.85 -35.20 -15.17
CA ASN A 109 -5.12 -35.78 -15.55
C ASN A 109 -5.59 -36.74 -14.48
N PRO A 110 -6.70 -36.46 -13.78
CA PRO A 110 -7.18 -37.41 -12.76
C PRO A 110 -7.66 -38.72 -13.35
N MET A 111 -8.02 -38.76 -14.62
CA MET A 111 -8.48 -40.01 -15.23
C MET A 111 -7.34 -40.95 -15.56
N THR A 112 -6.11 -40.43 -15.66
CA THR A 112 -4.94 -41.26 -15.90
C THR A 112 -3.95 -41.26 -14.75
N ASN A 113 -4.10 -40.37 -13.77
CA ASN A 113 -3.13 -40.16 -12.71
C ASN A 113 -1.73 -39.96 -13.28
N GLN A 114 -1.63 -39.09 -14.29
CA GLN A 114 -0.36 -38.81 -14.93
C GLN A 114 -0.21 -37.32 -15.17
N TRP A 115 1.05 -36.88 -15.12
CA TRP A 115 1.46 -35.52 -15.41
C TRP A 115 2.03 -35.45 -16.82
N SER A 116 1.74 -34.34 -17.50
CA SER A 116 2.31 -34.06 -18.81
C SER A 116 2.80 -32.61 -18.79
N PRO A 117 4.02 -32.35 -19.25
CA PRO A 117 4.47 -30.96 -19.34
C PRO A 117 3.77 -30.24 -20.48
N CYS A 118 3.51 -28.96 -20.26
CA CYS A 118 3.01 -28.07 -21.29
C CYS A 118 4.07 -27.03 -21.61
N ALA A 119 3.76 -26.16 -22.56
CA ALA A 119 4.68 -25.08 -22.92
C ALA A 119 4.97 -24.22 -21.69
N PRO A 120 6.21 -23.80 -21.50
CA PRO A 120 6.55 -23.00 -20.32
C PRO A 120 6.23 -21.53 -20.53
N MET A 121 6.11 -20.82 -19.41
CA MET A 121 5.93 -19.38 -19.45
C MET A 121 7.19 -18.72 -20.02
N SER A 122 7.07 -17.43 -20.32
CA SER A 122 8.20 -16.70 -20.90
C SER A 122 9.30 -16.48 -19.87
N VAL A 123 8.96 -16.42 -18.58
CA VAL A 123 9.95 -16.24 -17.52
C VAL A 123 9.58 -17.11 -16.34
N PRO A 124 10.56 -17.47 -15.51
CA PRO A 124 10.25 -18.16 -14.26
C PRO A 124 9.48 -17.23 -13.32
N ARG A 125 8.53 -17.81 -12.58
CA ARG A 125 7.68 -17.05 -11.67
C ARG A 125 7.56 -17.83 -10.37
N ASN A 126 8.43 -17.50 -9.41
CA ASN A 126 8.29 -18.01 -8.05
C ASN A 126 7.31 -17.12 -7.30
N ARG A 127 6.49 -17.74 -6.44
CA ARG A 127 5.46 -17.05 -5.68
C ARG A 127 4.50 -16.33 -6.64
N ILE A 128 3.85 -17.13 -7.47
CA ILE A 128 3.06 -16.66 -8.59
C ILE A 128 1.59 -16.62 -8.19
N GLY A 129 0.81 -15.83 -8.93
CA GLY A 129 -0.63 -15.90 -8.85
C GLY A 129 -1.20 -16.33 -10.19
N VAL A 130 -2.31 -17.07 -10.15
CA VAL A 130 -2.96 -17.48 -11.39
C VAL A 130 -4.46 -17.27 -11.28
N GLY A 131 -5.06 -16.93 -12.41
CA GLY A 131 -6.50 -16.89 -12.53
C GLY A 131 -6.93 -17.56 -13.82
N VAL A 132 -8.22 -17.87 -13.92
CA VAL A 132 -8.75 -18.54 -15.10
C VAL A 132 -9.91 -17.74 -15.65
N ILE A 133 -9.83 -17.36 -16.93
CA ILE A 133 -10.89 -16.61 -17.60
C ILE A 133 -11.08 -17.19 -18.99
N ASP A 134 -12.32 -17.55 -19.33
CA ASP A 134 -12.66 -18.05 -20.67
C ASP A 134 -11.81 -19.26 -21.04
N GLY A 135 -11.53 -20.11 -20.06
CA GLY A 135 -10.72 -21.27 -20.32
C GLY A 135 -9.26 -20.98 -20.62
N HIS A 136 -8.79 -19.78 -20.30
CA HIS A 136 -7.39 -19.42 -20.44
C HIS A 136 -6.80 -19.15 -19.06
N ILE A 137 -5.50 -19.45 -18.92
CA ILE A 137 -4.81 -19.33 -17.63
C ILE A 137 -3.98 -18.05 -17.63
N TYR A 138 -4.18 -17.20 -16.63
CA TYR A 138 -3.41 -15.98 -16.47
C TYR A 138 -2.39 -16.17 -15.36
N ALA A 139 -1.12 -16.09 -15.73
CA ALA A 139 0.00 -16.10 -14.79
C ALA A 139 0.39 -14.66 -14.49
N VAL A 140 0.51 -14.34 -13.20
CA VAL A 140 0.60 -12.98 -12.70
C VAL A 140 1.74 -12.89 -11.70
N GLY A 141 2.66 -11.95 -11.95
CA GLY A 141 3.60 -11.54 -10.93
C GLY A 141 4.66 -12.58 -10.64
N GLY A 142 5.08 -12.63 -9.38
CA GLY A 142 6.15 -13.52 -8.97
C GLY A 142 7.50 -12.87 -9.12
N SER A 143 8.53 -13.68 -8.83
CA SER A 143 9.90 -13.21 -8.89
C SER A 143 10.76 -14.18 -9.67
N HIS A 144 11.91 -13.69 -10.11
CA HIS A 144 12.93 -14.50 -10.77
C HIS A 144 14.28 -13.96 -10.29
N GLY A 145 14.84 -14.62 -9.29
CA GLY A 145 16.05 -14.11 -8.67
C GLY A 145 15.74 -12.78 -8.00
N CYS A 146 16.39 -11.72 -8.47
CA CYS A 146 16.16 -10.38 -7.96
C CYS A 146 15.12 -9.60 -8.76
N ILE A 147 14.61 -10.17 -9.85
CA ILE A 147 13.61 -9.50 -10.67
C ILE A 147 12.24 -9.67 -10.03
N HIS A 148 11.51 -8.56 -9.87
CA HIS A 148 10.15 -8.57 -9.35
C HIS A 148 9.20 -8.26 -10.49
N HIS A 149 8.46 -9.29 -10.92
CA HIS A 149 7.64 -9.16 -12.13
C HIS A 149 6.43 -8.27 -11.89
N ASN A 150 6.18 -7.36 -12.83
CA ASN A 150 4.86 -6.78 -13.01
C ASN A 150 4.18 -7.35 -14.25
N SER A 151 4.87 -8.21 -15.00
CA SER A 151 4.34 -8.75 -16.24
C SER A 151 3.30 -9.83 -15.97
N VAL A 152 2.45 -10.05 -16.97
CA VAL A 152 1.38 -11.04 -16.92
C VAL A 152 1.33 -11.73 -18.27
N GLU A 153 1.09 -13.05 -18.25
CA GLU A 153 0.93 -13.76 -19.51
C GLU A 153 -0.26 -14.71 -19.44
N ARG A 154 -0.76 -15.06 -20.63
CA ARG A 154 -1.96 -15.86 -20.77
C ARG A 154 -1.65 -17.12 -21.58
N TYR A 155 -2.10 -18.25 -21.06
CA TYR A 155 -1.89 -19.56 -21.66
C TYR A 155 -3.20 -20.07 -22.22
N GLU A 156 -3.12 -20.62 -23.44
CA GLU A 156 -4.29 -21.17 -24.12
C GLU A 156 -4.15 -22.69 -24.23
N PRO A 157 -4.93 -23.48 -23.48
CA PRO A 157 -4.75 -24.94 -23.51
C PRO A 157 -4.94 -25.56 -24.88
N GLU A 158 -5.85 -25.02 -25.71
CA GLU A 158 -6.13 -25.65 -26.98
C GLU A 158 -5.00 -25.47 -27.99
N ARG A 159 -4.04 -24.59 -27.71
CA ARG A 159 -2.92 -24.36 -28.62
C ARG A 159 -1.55 -24.56 -27.97
N ASP A 160 -1.50 -24.81 -26.66
CA ASP A 160 -0.24 -24.93 -25.93
C ASP A 160 0.68 -23.74 -26.22
N GLU A 161 0.13 -22.53 -26.09
CA GLU A 161 0.87 -21.31 -26.33
C GLU A 161 0.66 -20.34 -25.17
N TRP A 162 1.73 -19.66 -24.80
CA TRP A 162 1.68 -18.52 -23.89
C TRP A 162 1.86 -17.24 -24.71
N HIS A 163 1.22 -16.19 -24.25
CA HIS A 163 1.32 -14.88 -24.81
C HIS A 163 1.34 -13.85 -23.76
N LEU A 164 2.28 -12.92 -23.79
CA LEU A 164 2.29 -11.85 -22.84
C LEU A 164 1.16 -10.87 -23.04
N VAL A 165 0.58 -10.43 -21.96
CA VAL A 165 -0.44 -9.43 -22.01
C VAL A 165 0.06 -8.20 -21.33
N ALA A 166 -0.82 -7.28 -21.04
CA ALA A 166 -0.42 -6.08 -20.39
C ALA A 166 0.00 -6.31 -18.97
N PRO A 167 1.08 -5.71 -18.61
CA PRO A 167 1.66 -5.81 -17.30
C PRO A 167 0.88 -5.06 -16.30
N MET A 168 1.03 -5.44 -15.07
CA MET A 168 0.36 -4.79 -13.96
C MET A 168 0.94 -3.40 -13.71
N LEU A 169 0.16 -2.57 -13.02
CA LEU A 169 0.67 -1.28 -12.57
C LEU A 169 1.73 -1.42 -11.50
N THR A 170 1.89 -2.62 -10.94
CA THR A 170 2.75 -2.84 -9.78
C THR A 170 3.47 -4.17 -9.95
N ARG A 171 4.70 -4.22 -9.44
CA ARG A 171 5.44 -5.48 -9.36
C ARG A 171 5.03 -6.19 -8.08
N ARG A 172 4.56 -7.44 -8.23
CA ARG A 172 3.92 -8.15 -7.12
C ARG A 172 4.49 -9.56 -7.03
N ILE A 173 5.23 -9.82 -5.96
CA ILE A 173 5.63 -11.16 -5.58
C ILE A 173 4.70 -11.62 -4.46
N GLY A 174 4.33 -12.90 -4.48
CA GLY A 174 3.39 -13.39 -3.48
C GLY A 174 2.02 -12.77 -3.64
N VAL A 175 1.58 -12.57 -4.87
CA VAL A 175 0.32 -11.90 -5.16
C VAL A 175 -0.82 -12.91 -5.04
N GLY A 176 -1.98 -12.43 -4.57
CA GLY A 176 -3.20 -13.22 -4.62
C GLY A 176 -4.00 -12.85 -5.86
N VAL A 177 -4.54 -13.87 -6.54
CA VAL A 177 -5.24 -13.65 -7.79
C VAL A 177 -6.61 -14.31 -7.72
N ALA A 178 -7.63 -13.60 -8.17
CA ALA A 178 -8.98 -14.16 -8.18
C ALA A 178 -9.75 -13.59 -9.37
N VAL A 179 -10.71 -14.36 -9.87
CA VAL A 179 -11.48 -13.97 -11.05
C VAL A 179 -12.92 -13.76 -10.65
N LEU A 180 -13.43 -12.55 -10.90
CA LEU A 180 -14.80 -12.19 -10.57
C LEU A 180 -15.47 -11.63 -11.82
N ASN A 181 -16.54 -12.28 -12.26
CA ASN A 181 -17.28 -11.88 -13.46
C ASN A 181 -16.33 -11.62 -14.63
N ARG A 182 -15.46 -12.60 -14.89
CA ARG A 182 -14.52 -12.56 -16.01
C ARG A 182 -13.54 -11.40 -15.93
N LEU A 183 -13.34 -10.82 -14.75
CA LEU A 183 -12.32 -9.80 -14.53
C LEU A 183 -11.26 -10.37 -13.59
N LEU A 184 -10.00 -10.00 -13.81
CA LEU A 184 -8.89 -10.62 -13.09
C LEU A 184 -8.33 -9.67 -12.04
N TYR A 185 -8.46 -10.02 -10.77
CA TYR A 185 -8.00 -9.17 -9.68
C TYR A 185 -6.69 -9.69 -9.12
N ALA A 186 -5.70 -8.80 -9.04
CA ALA A 186 -4.43 -9.03 -8.36
C ALA A 186 -4.42 -8.23 -7.08
N VAL A 187 -4.04 -8.88 -5.98
CA VAL A 187 -4.30 -8.39 -4.63
C VAL A 187 -3.05 -8.56 -3.78
N GLY A 188 -2.55 -7.46 -3.21
CA GLY A 188 -1.45 -7.52 -2.27
C GLY A 188 -0.12 -7.88 -2.91
N GLY A 189 0.77 -8.44 -2.10
CA GLY A 189 2.07 -8.86 -2.59
C GLY A 189 3.24 -8.11 -2.01
N PHE A 190 4.39 -8.18 -2.70
CA PHE A 190 5.63 -7.58 -2.25
C PHE A 190 6.36 -7.11 -3.50
N ASP A 191 6.69 -5.82 -3.55
CA ASP A 191 7.30 -5.26 -4.76
C ASP A 191 8.82 -5.30 -4.73
N GLY A 192 9.41 -5.99 -3.76
CA GLY A 192 10.84 -5.99 -3.56
C GLY A 192 11.31 -5.08 -2.44
N THR A 193 10.52 -4.08 -2.09
CA THR A 193 10.85 -3.12 -1.04
C THR A 193 9.72 -2.94 -0.04
N ASN A 194 8.48 -2.86 -0.49
CA ASN A 194 7.32 -2.71 0.38
C ASN A 194 6.34 -3.83 0.11
N ARG A 195 5.66 -4.27 1.17
CA ARG A 195 4.53 -5.17 1.03
C ARG A 195 3.26 -4.35 0.85
N LEU A 196 2.31 -4.90 0.10
CA LEU A 196 1.25 -4.11 -0.51
C LEU A 196 -0.12 -4.47 0.05
N ASN A 197 -0.97 -3.45 0.18
CA ASN A 197 -2.40 -3.64 0.38
C ASN A 197 -3.20 -3.18 -0.82
N SER A 198 -2.54 -2.70 -1.88
CA SER A 198 -3.24 -2.26 -3.07
C SER A 198 -3.72 -3.47 -3.88
N ALA A 199 -4.77 -3.25 -4.66
CA ALA A 199 -5.27 -4.25 -5.57
C ALA A 199 -5.58 -3.59 -6.90
N GLU A 200 -5.46 -4.37 -7.98
CA GLU A 200 -5.76 -3.87 -9.31
C GLU A 200 -6.56 -4.91 -10.08
N CYS A 201 -7.21 -4.43 -11.14
CA CYS A 201 -8.19 -5.20 -11.89
C CYS A 201 -7.82 -5.18 -13.36
N TYR A 202 -7.80 -6.36 -13.97
CA TYR A 202 -7.44 -6.56 -15.36
C TYR A 202 -8.69 -6.85 -16.17
N TYR A 203 -8.89 -6.05 -17.22
CA TYR A 203 -9.93 -6.25 -18.20
C TYR A 203 -9.30 -6.91 -19.43
N PRO A 204 -9.70 -8.13 -19.76
CA PRO A 204 -9.01 -8.87 -20.84
C PRO A 204 -9.22 -8.26 -22.20
N GLU A 205 -10.44 -7.87 -22.54
CA GLU A 205 -10.73 -7.41 -23.88
C GLU A 205 -10.29 -5.98 -24.11
N ARG A 206 -10.31 -5.14 -23.07
CA ARG A 206 -9.57 -3.89 -23.16
C ARG A 206 -8.08 -4.13 -22.96
N ASN A 207 -7.71 -5.27 -22.39
CA ASN A 207 -6.32 -5.63 -22.11
C ASN A 207 -5.64 -4.52 -21.30
N GLU A 208 -6.21 -4.23 -20.13
CA GLU A 208 -5.57 -3.19 -19.34
C GLU A 208 -5.90 -3.35 -17.86
N TRP A 209 -5.00 -2.83 -17.03
CA TRP A 209 -5.12 -2.87 -15.57
C TRP A 209 -5.52 -1.51 -15.04
N ARG A 210 -6.37 -1.52 -14.01
CA ARG A 210 -6.83 -0.31 -13.36
C ARG A 210 -6.90 -0.54 -11.86
N MET A 211 -6.41 0.41 -11.09
CA MET A 211 -6.35 0.23 -9.64
C MET A 211 -7.75 0.28 -9.03
N ILE A 212 -7.97 -0.57 -8.02
CA ILE A 212 -9.23 -0.57 -7.29
C ILE A 212 -8.97 -0.17 -5.85
N THR A 213 -10.01 -0.25 -5.02
CA THR A 213 -9.86 0.09 -3.60
C THR A 213 -8.90 -0.88 -2.92
N ALA A 214 -8.01 -0.33 -2.10
CA ALA A 214 -7.02 -1.13 -1.41
C ALA A 214 -7.63 -1.85 -0.22
N MET A 215 -7.02 -2.97 0.15
CA MET A 215 -7.43 -3.70 1.33
C MET A 215 -7.21 -2.85 2.58
N ASN A 216 -7.78 -3.30 3.69
CA ASN A 216 -7.47 -2.69 4.98
C ASN A 216 -6.15 -3.19 5.55
N THR A 217 -5.59 -4.28 5.00
CA THR A 217 -4.42 -4.92 5.57
C THR A 217 -3.41 -5.22 4.48
N ILE A 218 -2.18 -4.73 4.68
CA ILE A 218 -1.07 -5.10 3.81
C ILE A 218 -0.84 -6.60 3.90
N ARG A 219 -0.79 -7.28 2.76
CA ARG A 219 -0.74 -8.73 2.73
C ARG A 219 0.21 -9.21 1.64
N SER A 220 1.20 -9.99 2.03
CA SER A 220 2.07 -10.70 1.11
C SER A 220 1.87 -12.20 1.31
N GLY A 221 1.68 -12.92 0.21
CA GLY A 221 1.45 -14.35 0.32
C GLY A 221 0.18 -14.70 1.06
N ALA A 222 -0.87 -13.92 0.86
CA ALA A 222 -2.17 -14.29 1.40
C ALA A 222 -2.82 -15.35 0.51
N GLY A 223 -3.96 -15.88 0.98
CA GLY A 223 -4.80 -16.72 0.17
C GLY A 223 -5.94 -15.89 -0.38
N VAL A 224 -6.06 -15.85 -1.69
CA VAL A 224 -7.09 -15.05 -2.35
C VAL A 224 -7.92 -15.97 -3.23
N CYS A 225 -9.24 -15.88 -3.07
CA CYS A 225 -10.14 -16.67 -3.88
C CYS A 225 -11.44 -15.90 -4.07
N VAL A 226 -12.35 -16.46 -4.85
CA VAL A 226 -13.68 -15.91 -5.04
C VAL A 226 -14.68 -16.87 -4.41
N LEU A 227 -15.57 -16.35 -3.58
CA LEU A 227 -16.57 -17.18 -2.93
C LEU A 227 -17.95 -16.52 -3.05
N HIS A 228 -18.97 -17.35 -3.27
CA HIS A 228 -20.35 -16.87 -3.42
C HIS A 228 -20.46 -15.73 -4.43
N ASN A 229 -20.33 -14.50 -3.95
CA ASN A 229 -20.41 -13.33 -4.83
C ASN A 229 -19.46 -12.23 -4.37
N CYS A 230 -18.28 -12.62 -3.91
CA CYS A 230 -17.28 -11.67 -3.46
C CYS A 230 -15.88 -12.28 -3.43
N ILE A 231 -14.88 -11.44 -3.22
CA ILE A 231 -13.49 -11.89 -3.17
C ILE A 231 -13.01 -11.98 -1.72
N TYR A 232 -12.18 -12.98 -1.45
CA TYR A 232 -11.66 -13.17 -0.10
C TYR A 232 -10.14 -13.15 -0.14
N ALA A 233 -9.55 -12.28 0.69
CA ALA A 233 -8.13 -12.30 1.00
C ALA A 233 -7.98 -12.68 2.47
N ALA A 234 -7.21 -13.72 2.73
CA ALA A 234 -7.09 -14.30 4.05
C ALA A 234 -5.61 -14.49 4.40
N GLY A 235 -5.26 -14.16 5.64
CA GLY A 235 -3.92 -14.37 6.11
C GLY A 235 -2.89 -13.53 5.35
N GLY A 236 -1.67 -14.01 5.34
CA GLY A 236 -0.57 -13.35 4.67
C GLY A 236 0.47 -12.84 5.64
N TYR A 237 1.36 -12.01 5.11
CA TYR A 237 2.49 -11.48 5.86
C TYR A 237 2.66 -10.00 5.51
N ASP A 238 2.74 -9.16 6.54
CA ASP A 238 2.83 -7.72 6.35
C ASP A 238 4.22 -7.16 6.62
N GLY A 239 5.23 -8.02 6.76
CA GLY A 239 6.56 -7.58 7.11
C GLY A 239 6.84 -7.51 8.59
N GLN A 240 5.87 -7.87 9.43
CA GLN A 240 6.05 -7.86 10.88
C GLN A 240 5.41 -9.10 11.49
N ASP A 241 4.14 -9.34 11.16
CA ASP A 241 3.40 -10.47 11.69
C ASP A 241 2.81 -11.28 10.55
N GLN A 242 2.65 -12.58 10.80
CA GLN A 242 1.77 -13.39 9.96
C GLN A 242 0.33 -13.16 10.40
N LEU A 243 -0.57 -13.09 9.43
CA LEU A 243 -1.93 -12.63 9.69
C LEU A 243 -2.92 -13.78 9.72
N ASN A 244 -3.94 -13.62 10.56
CA ASN A 244 -5.09 -14.50 10.55
C ASN A 244 -6.36 -13.80 10.11
N SER A 245 -6.30 -12.49 9.89
CA SER A 245 -7.48 -11.72 9.50
C SER A 245 -7.88 -12.06 8.07
N VAL A 246 -9.19 -11.94 7.82
CA VAL A 246 -9.78 -12.23 6.52
C VAL A 246 -10.69 -11.08 6.15
N GLU A 247 -10.56 -10.58 4.92
CA GLU A 247 -11.45 -9.54 4.42
C GLU A 247 -11.93 -9.92 3.03
N ARG A 248 -13.07 -9.36 2.65
CA ARG A 248 -13.66 -9.66 1.35
C ARG A 248 -14.10 -8.38 0.66
N TYR A 249 -13.90 -8.37 -0.65
CA TYR A 249 -14.19 -7.24 -1.52
C TYR A 249 -15.53 -7.48 -2.19
N ASP A 250 -16.40 -6.46 -2.08
CA ASP A 250 -17.65 -6.37 -2.81
C ASP A 250 -17.47 -5.39 -3.95
N VAL A 251 -17.73 -5.85 -5.18
CA VAL A 251 -17.51 -5.03 -6.38
C VAL A 251 -18.56 -3.93 -6.49
N ALA A 252 -19.79 -4.17 -6.03
CA ALA A 252 -20.83 -3.16 -6.15
C ALA A 252 -20.50 -1.94 -5.30
N THR A 253 -20.20 -2.15 -4.02
CA THR A 253 -19.78 -1.07 -3.15
C THR A 253 -18.29 -0.76 -3.27
N ALA A 254 -17.56 -1.54 -4.07
CA ALA A 254 -16.12 -1.38 -4.23
C ALA A 254 -15.43 -1.25 -2.88
N THR A 255 -15.78 -2.15 -1.97
CA THR A 255 -15.38 -2.00 -0.58
C THR A 255 -14.86 -3.32 -0.02
N TRP A 256 -13.87 -3.23 0.86
CA TRP A 256 -13.38 -4.38 1.61
C TRP A 256 -13.96 -4.36 3.02
N THR A 257 -14.42 -5.52 3.47
CA THR A 257 -15.01 -5.64 4.80
C THR A 257 -14.40 -6.81 5.56
N PHE A 258 -14.03 -6.57 6.82
CA PHE A 258 -13.44 -7.60 7.66
C PHE A 258 -14.48 -8.64 8.07
N VAL A 259 -14.10 -9.92 7.96
CA VAL A 259 -14.99 -11.01 8.32
C VAL A 259 -14.35 -11.91 9.36
N ALA A 260 -14.97 -13.06 9.62
CA ALA A 260 -14.45 -14.01 10.59
C ALA A 260 -13.03 -14.45 10.23
N PRO A 261 -12.07 -14.16 11.12
CA PRO A 261 -10.66 -14.51 10.92
C PRO A 261 -10.42 -15.98 11.18
N MET A 262 -9.25 -16.48 10.75
CA MET A 262 -8.92 -17.89 10.95
C MET A 262 -8.44 -18.13 12.37
N LYS A 263 -8.32 -19.40 12.73
CA LYS A 263 -7.79 -19.76 14.03
C LYS A 263 -6.27 -19.66 14.07
N HIS A 264 -5.59 -19.86 12.94
CA HIS A 264 -4.14 -19.91 12.90
C HIS A 264 -3.61 -18.89 11.91
N ARG A 265 -2.81 -17.95 12.41
CA ARG A 265 -2.08 -17.05 11.53
C ARG A 265 -1.20 -17.87 10.59
N ARG A 266 -1.14 -17.45 9.32
CA ARG A 266 -0.38 -18.19 8.34
C ARG A 266 -0.12 -17.30 7.13
N SER A 267 1.09 -17.42 6.59
CA SER A 267 1.44 -16.81 5.31
C SER A 267 1.86 -17.92 4.36
N ALA A 268 1.84 -17.61 3.06
CA ALA A 268 2.12 -18.58 2.00
C ALA A 268 1.20 -19.80 2.10
N LEU A 269 -0.03 -19.58 2.54
CA LEU A 269 -1.04 -20.62 2.61
C LEU A 269 -1.60 -20.91 1.23
N GLY A 270 -2.18 -22.11 1.09
CA GLY A 270 -2.94 -22.46 -0.09
C GLY A 270 -4.42 -22.27 0.19
N ILE A 271 -5.19 -21.98 -0.86
CA ILE A 271 -6.60 -21.67 -0.68
C ILE A 271 -7.39 -22.20 -1.87
N THR A 272 -8.63 -22.61 -1.61
CA THR A 272 -9.54 -23.02 -2.67
C THR A 272 -10.96 -22.92 -2.15
N VAL A 273 -11.92 -23.10 -3.07
CA VAL A 273 -13.34 -23.12 -2.73
C VAL A 273 -13.89 -24.48 -3.11
N HIS A 274 -14.56 -25.13 -2.15
CA HIS A 274 -15.20 -26.41 -2.38
C HIS A 274 -16.62 -26.35 -1.85
N GLN A 275 -17.58 -26.57 -2.75
CA GLN A 275 -19.01 -26.62 -2.41
C GLN A 275 -19.42 -25.44 -1.52
N GLY A 276 -19.08 -24.24 -1.96
CA GLY A 276 -19.50 -23.04 -1.27
C GLY A 276 -18.80 -22.78 0.05
N ARG A 277 -17.67 -23.42 0.30
CA ARG A 277 -16.93 -23.19 1.54
C ARG A 277 -15.46 -22.96 1.20
N ILE A 278 -14.81 -22.09 1.96
CA ILE A 278 -13.40 -21.79 1.71
C ILE A 278 -12.54 -22.79 2.48
N TYR A 279 -11.49 -23.29 1.84
CA TYR A 279 -10.53 -24.17 2.48
C TYR A 279 -9.15 -23.56 2.37
N VAL A 280 -8.44 -23.49 3.50
CA VAL A 280 -7.07 -22.99 3.53
C VAL A 280 -6.17 -24.08 4.11
N LEU A 281 -5.02 -24.27 3.48
CA LEU A 281 -4.14 -25.40 3.70
C LEU A 281 -2.75 -24.90 4.03
N GLY A 282 -2.18 -25.40 5.12
CA GLY A 282 -0.80 -25.18 5.49
C GLY A 282 -0.47 -23.71 5.65
N GLY A 283 0.75 -23.37 5.30
CA GLY A 283 1.29 -22.04 5.49
C GLY A 283 2.36 -22.02 6.56
N TYR A 284 2.84 -20.81 6.84
CA TYR A 284 3.95 -20.58 7.75
C TYR A 284 3.53 -19.53 8.77
N ASP A 285 3.61 -19.87 10.05
CA ASP A 285 3.19 -18.94 11.10
C ASP A 285 4.34 -18.24 11.83
N GLY A 286 5.53 -18.28 11.24
CA GLY A 286 6.69 -17.64 11.85
C GLY A 286 7.46 -18.54 12.78
N HIS A 287 6.98 -19.77 12.95
CA HIS A 287 7.64 -20.73 13.83
C HIS A 287 7.73 -22.11 13.19
N THR A 288 6.59 -22.59 12.66
CA THR A 288 6.55 -23.90 12.03
C THR A 288 5.69 -23.92 10.78
N PHE A 289 5.91 -24.94 9.94
CA PHE A 289 5.18 -25.11 8.70
C PHE A 289 3.94 -25.96 9.01
N LEU A 290 2.77 -25.37 8.84
CA LEU A 290 1.55 -25.96 9.37
C LEU A 290 1.00 -27.05 8.46
N ASP A 291 0.34 -28.02 9.07
CA ASP A 291 -0.51 -28.96 8.37
C ASP A 291 -1.98 -28.69 8.61
N SER A 292 -2.30 -27.67 9.42
CA SER A 292 -3.67 -27.30 9.70
C SER A 292 -4.42 -26.99 8.41
N VAL A 293 -5.66 -27.45 8.32
CA VAL A 293 -6.56 -27.09 7.24
C VAL A 293 -7.83 -26.52 7.86
N GLU A 294 -8.14 -25.28 7.52
CA GLU A 294 -9.31 -24.61 8.05
C GLU A 294 -10.35 -24.41 6.96
N CYS A 295 -11.62 -24.39 7.36
CA CYS A 295 -12.73 -24.25 6.42
C CYS A 295 -13.66 -23.16 6.89
N TYR A 296 -13.86 -22.15 6.05
CA TYR A 296 -14.74 -21.04 6.32
C TYR A 296 -16.13 -21.32 5.74
N ASP A 297 -17.15 -21.24 6.61
CA ASP A 297 -18.55 -21.36 6.25
C ASP A 297 -19.13 -19.95 6.14
N PRO A 298 -19.46 -19.48 4.93
CA PRO A 298 -19.95 -18.09 4.81
C PRO A 298 -21.28 -17.85 5.49
N ASP A 299 -22.17 -18.84 5.50
CA ASP A 299 -23.50 -18.64 6.06
C ASP A 299 -23.45 -18.37 7.56
N THR A 300 -22.46 -18.95 8.26
CA THR A 300 -22.31 -18.74 9.69
C THR A 300 -21.14 -17.83 10.03
N ASP A 301 -20.36 -17.38 9.04
CA ASP A 301 -19.17 -16.57 9.26
C ASP A 301 -18.27 -17.23 10.30
N THR A 302 -17.93 -18.49 10.06
CA THR A 302 -17.23 -19.31 11.03
C THR A 302 -16.11 -20.08 10.35
N TRP A 303 -14.95 -20.10 10.99
CA TRP A 303 -13.86 -20.99 10.62
C TRP A 303 -13.84 -22.18 11.58
N SER A 304 -13.44 -23.33 11.04
CA SER A 304 -13.21 -24.51 11.87
C SER A 304 -12.16 -25.37 11.19
N GLU A 305 -11.35 -26.05 12.00
CA GLU A 305 -10.38 -26.99 11.47
C GLU A 305 -11.08 -28.28 11.07
N VAL A 306 -10.74 -28.80 9.89
CA VAL A 306 -11.42 -29.98 9.39
C VAL A 306 -10.43 -31.13 9.24
N THR A 307 -9.16 -30.84 8.99
CA THR A 307 -8.18 -31.90 8.85
C THR A 307 -6.76 -31.35 9.03
N ARG A 308 -5.81 -32.27 9.05
CA ARG A 308 -4.39 -31.99 8.97
C ARG A 308 -3.84 -32.64 7.73
N MET A 309 -3.03 -31.90 6.97
CA MET A 309 -2.30 -32.52 5.88
C MET A 309 -1.36 -33.60 6.43
N THR A 310 -0.88 -34.47 5.55
CA THR A 310 0.00 -35.54 5.99
C THR A 310 1.31 -35.02 6.55
N SER A 311 1.73 -33.81 6.15
CA SER A 311 2.90 -33.16 6.73
C SER A 311 2.76 -31.66 6.52
N GLY A 312 3.31 -30.90 7.46
CA GLY A 312 3.23 -29.45 7.35
C GLY A 312 4.01 -28.96 6.14
N ARG A 313 3.50 -27.90 5.52
CA ARG A 313 4.15 -27.34 4.33
C ARG A 313 3.53 -25.98 4.03
N SER A 314 4.26 -25.20 3.23
CA SER A 314 3.82 -23.88 2.80
C SER A 314 4.09 -23.73 1.31
N GLY A 315 3.47 -22.71 0.73
CA GLY A 315 3.70 -22.40 -0.68
C GLY A 315 3.18 -23.43 -1.65
N VAL A 316 2.07 -24.09 -1.33
CA VAL A 316 1.50 -25.12 -2.18
C VAL A 316 0.62 -24.50 -3.25
N GLY A 317 0.28 -25.28 -4.28
CA GLY A 317 -0.75 -24.92 -5.23
C GLY A 317 -1.99 -25.79 -4.99
N VAL A 318 -3.15 -25.15 -4.95
CA VAL A 318 -4.39 -25.84 -4.61
C VAL A 318 -5.42 -25.63 -5.70
N ALA A 319 -6.21 -26.67 -5.97
CA ALA A 319 -7.34 -26.56 -6.88
C ALA A 319 -8.33 -27.67 -6.57
N VAL A 320 -9.42 -27.72 -7.34
CA VAL A 320 -10.50 -28.67 -7.13
C VAL A 320 -10.95 -29.21 -8.48
N THR A 321 -11.05 -30.53 -8.59
CA THR A 321 -11.57 -31.16 -9.81
C THR A 321 -12.11 -32.55 -9.53
N LEU B 39 0.54 35.61 0.93
CA LEU B 39 1.96 35.28 0.98
C LEU B 39 2.12 33.79 1.31
N ILE B 40 3.19 33.19 0.80
CA ILE B 40 3.50 31.79 1.08
C ILE B 40 4.41 31.77 2.30
N TYR B 41 3.93 31.30 3.44
CA TYR B 41 4.74 31.24 4.64
C TYR B 41 5.23 29.82 4.89
N THR B 42 6.52 29.69 5.14
CA THR B 42 7.12 28.44 5.58
C THR B 42 7.68 28.62 6.98
N ALA B 43 7.43 27.64 7.85
CA ALA B 43 7.85 27.66 9.24
C ALA B 43 8.51 26.34 9.57
N GLY B 44 9.61 26.41 10.31
CA GLY B 44 10.33 25.22 10.71
C GLY B 44 11.21 24.67 9.61
N GLY B 45 11.50 23.39 9.72
CA GLY B 45 12.36 22.70 8.78
C GLY B 45 13.62 22.18 9.46
N TYR B 46 14.47 21.53 8.69
CA TYR B 46 15.68 20.94 9.23
C TYR B 46 16.89 21.00 8.29
N PHE B 47 17.80 21.92 8.57
CA PHE B 47 19.03 22.08 7.80
C PHE B 47 20.15 21.68 8.76
N ARG B 48 20.20 20.37 9.03
CA ARG B 48 21.14 19.67 9.95
C ARG B 48 20.86 19.88 11.45
N GLN B 49 19.71 20.50 11.74
CA GLN B 49 19.22 20.82 13.08
C GLN B 49 17.85 21.44 12.86
N SER B 50 16.88 21.11 13.72
CA SER B 50 15.55 21.69 13.56
C SER B 50 15.61 23.20 13.67
N LEU B 51 14.86 23.89 12.82
CA LEU B 51 14.99 25.32 12.63
C LEU B 51 13.82 26.08 13.23
N SER B 52 14.05 27.37 13.46
CA SER B 52 13.03 28.30 13.94
C SER B 52 12.55 29.25 12.85
N TYR B 53 13.05 29.10 11.63
CA TYR B 53 12.77 30.05 10.57
C TYR B 53 11.27 30.20 10.32
N LEU B 54 10.86 31.45 10.08
CA LEU B 54 9.58 31.75 9.46
C LEU B 54 9.87 32.74 8.34
N GLU B 55 9.58 32.33 7.11
CA GLU B 55 9.81 33.24 5.99
C GLU B 55 8.67 33.17 5.00
N ALA B 56 8.30 34.34 4.49
CA ALA B 56 7.22 34.52 3.54
C ALA B 56 7.79 34.78 2.15
N TYR B 57 7.13 34.25 1.14
CA TYR B 57 7.52 34.38 -0.25
C TYR B 57 6.35 34.95 -1.03
N ASN B 58 6.63 35.93 -1.87
CA ASN B 58 5.63 36.54 -2.74
C ASN B 58 5.98 36.21 -4.19
N PRO B 59 5.18 35.39 -4.88
CA PRO B 59 5.47 35.08 -6.28
C PRO B 59 5.48 36.30 -7.19
N SER B 60 4.81 37.37 -6.80
CA SER B 60 4.76 38.60 -7.60
C SER B 60 6.14 39.23 -7.69
N ASP B 61 6.63 39.72 -6.56
CA ASP B 61 7.94 40.35 -6.44
C ASP B 61 9.09 39.34 -6.41
N GLY B 62 8.79 38.07 -6.19
CA GLY B 62 9.80 37.02 -6.24
C GLY B 62 10.89 37.10 -5.19
N THR B 63 10.64 37.76 -4.05
CA THR B 63 11.63 37.81 -2.99
C THR B 63 11.00 37.57 -1.62
N TRP B 64 11.83 37.07 -0.71
CA TRP B 64 11.44 36.58 0.60
C TRP B 64 11.44 37.69 1.64
N LEU B 65 10.79 37.40 2.75
CA LEU B 65 10.65 38.30 3.88
C LEU B 65 10.79 37.46 5.14
N ARG B 66 11.66 37.87 6.06
CA ARG B 66 11.92 37.12 7.28
C ARG B 66 11.13 37.71 8.43
N LEU B 67 10.53 36.85 9.24
CA LEU B 67 9.61 37.28 10.28
C LEU B 67 9.98 36.58 11.58
N ALA B 68 9.08 36.62 12.56
CA ALA B 68 9.37 36.18 13.91
C ALA B 68 9.80 34.71 13.93
N ASP B 69 10.87 34.44 14.69
CA ASP B 69 11.31 33.07 14.88
C ASP B 69 10.23 32.25 15.56
N LEU B 70 10.11 30.98 15.17
CA LEU B 70 9.37 30.04 15.99
C LEU B 70 9.94 30.05 17.41
N GLN B 71 9.08 29.81 18.39
CA GLN B 71 9.54 29.86 19.77
C GLN B 71 10.35 28.61 20.13
N VAL B 72 9.93 27.45 19.68
CA VAL B 72 10.69 26.21 19.82
C VAL B 72 10.99 25.70 18.41
N PRO B 73 12.23 25.33 18.09
CA PRO B 73 12.53 24.81 16.76
C PRO B 73 11.70 23.58 16.44
N ARG B 74 11.38 23.42 15.16
CA ARG B 74 10.49 22.35 14.73
C ARG B 74 10.89 21.83 13.36
N SER B 75 10.78 20.53 13.17
CA SER B 75 10.90 19.90 11.87
C SER B 75 9.94 18.71 11.83
N GLY B 76 9.54 18.34 10.61
CA GLY B 76 8.49 17.35 10.49
C GLY B 76 7.13 17.84 10.93
N LEU B 77 6.92 19.16 10.92
CA LEU B 77 5.67 19.75 11.36
C LEU B 77 4.75 19.97 10.17
N ALA B 78 3.54 20.42 10.47
CA ALA B 78 2.59 20.80 9.43
C ALA B 78 2.10 22.22 9.68
N GLY B 79 1.77 22.91 8.60
CA GLY B 79 1.29 24.27 8.68
C GLY B 79 -0.11 24.37 8.11
N CYS B 80 -0.92 25.23 8.72
CA CYS B 80 -2.26 25.49 8.17
C CYS B 80 -2.66 26.91 8.54
N VAL B 81 -3.81 27.34 8.02
CA VAL B 81 -4.31 28.69 8.22
C VAL B 81 -5.80 28.60 8.52
N VAL B 82 -6.22 29.15 9.66
CA VAL B 82 -7.64 29.27 9.96
C VAL B 82 -7.90 30.68 10.51
N GLY B 83 -8.91 31.34 9.97
CA GLY B 83 -9.21 32.70 10.38
C GLY B 83 -8.06 33.66 10.14
N GLY B 84 -7.30 33.46 9.06
CA GLY B 84 -6.13 34.25 8.79
C GLY B 84 -4.99 34.06 9.77
N LEU B 85 -5.11 33.11 10.70
CA LEU B 85 -4.07 32.86 11.70
C LEU B 85 -3.33 31.58 11.29
N LEU B 86 -1.98 31.64 11.33
CA LEU B 86 -1.17 30.57 10.76
C LEU B 86 -0.68 29.64 11.88
N TYR B 87 -1.14 28.40 11.86
CA TYR B 87 -0.82 27.43 12.89
C TYR B 87 0.31 26.50 12.46
N ALA B 88 1.25 26.28 13.37
CA ALA B 88 2.28 25.26 13.28
C ALA B 88 1.90 24.12 14.22
N VAL B 89 1.83 22.91 13.67
CA VAL B 89 1.31 21.74 14.37
C VAL B 89 2.38 20.67 14.41
N GLY B 90 2.55 20.06 15.59
CA GLY B 90 3.40 18.92 15.82
C GLY B 90 4.84 19.17 15.43
N GLY B 91 5.53 18.09 15.07
CA GLY B 91 6.91 18.20 14.66
C GLY B 91 7.88 17.66 15.67
N ARG B 92 9.10 18.20 15.67
CA ARG B 92 10.20 17.61 16.42
C ARG B 92 11.31 18.64 16.55
N ASN B 93 11.95 18.67 17.71
CA ASN B 93 13.18 19.43 17.90
C ASN B 93 14.34 18.43 17.90
N ASN B 94 15.02 18.36 16.76
CA ASN B 94 16.22 17.55 16.57
C ASN B 94 17.41 18.49 16.69
N SER B 95 18.05 18.50 17.85
CA SER B 95 19.12 19.43 18.16
C SER B 95 20.31 18.65 18.70
N PRO B 96 21.52 19.25 18.68
CA PRO B 96 22.70 18.57 19.23
C PRO B 96 22.54 18.10 20.67
N ASP B 97 21.45 18.51 21.33
CA ASP B 97 21.20 18.15 22.71
C ASP B 97 19.92 17.36 22.93
N GLY B 98 19.20 16.98 21.87
CA GLY B 98 17.97 16.25 22.10
C GLY B 98 17.26 15.93 20.80
N ASN B 99 16.14 15.23 20.96
CA ASN B 99 15.29 14.85 19.84
C ASN B 99 13.86 14.69 20.36
N THR B 100 13.21 15.80 20.65
CA THR B 100 11.92 15.79 21.36
C THR B 100 10.78 15.94 20.37
N ASP B 101 9.93 14.91 20.28
CA ASP B 101 8.72 15.00 19.49
C ASP B 101 7.78 16.03 20.11
N SER B 102 7.21 16.89 19.25
CA SER B 102 6.40 18.01 19.72
C SER B 102 4.91 17.66 19.63
N SER B 103 4.21 17.85 20.75
CA SER B 103 2.76 17.88 20.75
C SER B 103 2.22 19.31 20.79
N ALA B 104 3.06 20.27 20.45
CA ALA B 104 2.70 21.68 20.56
C ALA B 104 1.86 22.12 19.37
N LEU B 105 1.06 23.15 19.61
CA LEU B 105 0.33 23.86 18.56
C LEU B 105 0.54 25.34 18.80
N ASP B 106 1.04 26.05 17.79
CA ASP B 106 1.36 27.46 17.95
C ASP B 106 0.75 28.26 16.82
N CYS B 107 0.42 29.52 17.11
CA CYS B 107 -0.28 30.36 16.14
C CYS B 107 0.45 31.66 15.95
N TYR B 108 0.74 31.99 14.70
CA TYR B 108 1.38 33.23 14.30
C TYR B 108 0.33 34.19 13.74
N ASN B 109 0.42 35.47 14.17
CA ASN B 109 -0.47 36.50 13.66
C ASN B 109 0.23 37.29 12.56
N PRO B 110 -0.31 37.33 11.33
CA PRO B 110 0.44 37.88 10.20
C PRO B 110 0.61 39.40 10.20
N MET B 111 0.08 40.15 11.18
CA MET B 111 0.40 41.57 11.25
C MET B 111 0.59 42.10 12.66
N THR B 112 0.51 41.25 13.68
CA THR B 112 1.10 41.56 14.98
C THR B 112 2.45 40.88 15.15
N ASN B 113 2.85 40.04 14.19
CA ASN B 113 4.15 39.36 14.20
C ASN B 113 4.40 38.70 15.55
N GLN B 114 3.36 38.08 16.11
CA GLN B 114 3.51 37.44 17.39
C GLN B 114 3.10 35.97 17.28
N TRP B 115 3.97 35.11 17.78
CA TRP B 115 3.67 33.71 18.01
C TRP B 115 3.05 33.58 19.40
N SER B 116 1.97 32.80 19.49
CA SER B 116 1.32 32.57 20.77
C SER B 116 0.97 31.09 20.83
N PRO B 117 1.24 30.41 21.94
CA PRO B 117 0.96 28.98 22.03
C PRO B 117 -0.50 28.70 22.30
N CYS B 118 -0.99 27.62 21.71
CA CYS B 118 -2.32 27.07 21.99
C CYS B 118 -2.15 25.74 22.71
N ALA B 119 -3.28 25.11 23.02
CA ALA B 119 -3.26 23.88 23.80
C ALA B 119 -2.52 22.77 23.03
N PRO B 120 -1.82 21.90 23.73
CA PRO B 120 -1.11 20.81 23.06
C PRO B 120 -2.05 19.67 22.70
N MET B 121 -1.60 18.88 21.73
CA MET B 121 -2.37 17.70 21.32
C MET B 121 -2.28 16.61 22.39
N SER B 122 -3.10 15.58 22.22
CA SER B 122 -3.07 14.45 23.14
C SER B 122 -1.73 13.73 23.11
N VAL B 123 -1.10 13.69 21.93
CA VAL B 123 0.14 12.94 21.75
C VAL B 123 1.11 13.77 20.94
N PRO B 124 2.41 13.55 21.13
CA PRO B 124 3.40 14.14 20.22
C PRO B 124 3.28 13.50 18.84
N ARG B 125 3.61 14.29 17.81
CA ARG B 125 3.40 13.86 16.43
C ARG B 125 4.53 14.41 15.55
N ASN B 126 5.57 13.60 15.37
CA ASN B 126 6.58 13.90 14.37
C ASN B 126 6.09 13.47 13.00
N ARG B 127 6.41 14.27 11.98
CA ARG B 127 6.01 13.99 10.59
C ARG B 127 4.50 13.84 10.50
N ILE B 128 3.81 14.85 11.01
CA ILE B 128 2.35 14.88 11.11
C ILE B 128 1.76 15.35 9.78
N GLY B 129 0.47 15.07 9.60
CA GLY B 129 -0.31 15.70 8.55
C GLY B 129 -1.46 16.47 9.17
N VAL B 130 -1.91 17.54 8.50
CA VAL B 130 -3.05 18.29 8.99
C VAL B 130 -3.90 18.78 7.83
N GLY B 131 -5.20 18.91 8.11
CA GLY B 131 -6.12 19.60 7.21
C GLY B 131 -7.06 20.47 8.02
N VAL B 132 -7.85 21.29 7.33
CA VAL B 132 -8.83 22.13 8.00
C VAL B 132 -10.19 21.92 7.36
N ILE B 133 -11.19 21.66 8.19
CA ILE B 133 -12.58 21.50 7.77
C ILE B 133 -13.44 22.28 8.74
N ASP B 134 -14.31 23.15 8.23
CA ASP B 134 -15.29 23.85 9.04
C ASP B 134 -14.62 24.65 10.14
N GLY B 135 -13.52 25.31 9.80
CA GLY B 135 -12.78 26.10 10.75
C GLY B 135 -12.01 25.32 11.78
N HIS B 136 -12.07 23.98 11.77
CA HIS B 136 -11.36 23.16 12.75
C HIS B 136 -10.16 22.48 12.10
N ILE B 137 -9.14 22.22 12.93
CA ILE B 137 -7.88 21.65 12.47
C ILE B 137 -7.87 20.16 12.77
N TYR B 138 -7.43 19.36 11.80
CA TYR B 138 -7.34 17.91 11.92
C TYR B 138 -5.87 17.54 11.88
N ALA B 139 -5.37 17.03 13.01
CA ALA B 139 -4.02 16.51 13.14
C ALA B 139 -4.06 15.00 12.98
N VAL B 140 -3.21 14.49 12.10
CA VAL B 140 -3.34 13.15 11.52
C VAL B 140 -2.00 12.45 11.63
N GLY B 141 -2.02 11.25 12.21
CA GLY B 141 -0.88 10.37 12.18
C GLY B 141 0.31 10.93 12.94
N GLY B 142 1.50 10.70 12.39
CA GLY B 142 2.71 11.12 13.05
C GLY B 142 3.24 10.05 13.98
N SER B 143 4.39 10.36 14.58
CA SER B 143 5.08 9.41 15.44
C SER B 143 5.52 10.06 16.74
N HIS B 144 5.57 9.25 17.79
CA HIS B 144 6.21 9.60 19.06
C HIS B 144 7.17 8.46 19.39
N GLY B 145 8.45 8.67 19.09
CA GLY B 145 9.42 7.61 19.25
C GLY B 145 9.19 6.50 18.26
N CYS B 146 8.98 5.28 18.77
CA CYS B 146 8.68 4.14 17.90
C CYS B 146 7.23 4.10 17.46
N ILE B 147 6.34 4.79 18.17
CA ILE B 147 4.90 4.65 17.94
C ILE B 147 4.49 5.45 16.72
N HIS B 148 3.96 4.77 15.71
CA HIS B 148 3.41 5.40 14.52
C HIS B 148 1.90 5.48 14.69
N HIS B 149 1.38 6.69 14.87
CA HIS B 149 -0.02 6.86 15.20
C HIS B 149 -0.92 6.54 14.02
N ASN B 150 -2.06 5.92 14.31
CA ASN B 150 -3.22 5.99 13.43
C ASN B 150 -4.27 6.95 13.97
N SER B 151 -4.02 7.51 15.14
CA SER B 151 -4.98 8.39 15.79
C SER B 151 -5.11 9.71 15.04
N VAL B 152 -6.23 10.38 15.27
CA VAL B 152 -6.59 11.64 14.62
C VAL B 152 -7.26 12.52 15.66
N GLU B 153 -6.88 13.78 15.75
CA GLU B 153 -7.56 14.69 16.67
C GLU B 153 -7.95 15.99 16.00
N ARG B 154 -8.94 16.64 16.61
CA ARG B 154 -9.58 17.84 16.09
C ARG B 154 -9.37 18.98 17.07
N TYR B 155 -8.94 20.12 16.55
CA TYR B 155 -8.71 21.34 17.32
C TYR B 155 -9.76 22.37 16.97
N GLU B 156 -10.38 22.95 18.02
CA GLU B 156 -11.41 23.98 17.95
C GLU B 156 -10.76 25.32 18.28
N PRO B 157 -10.45 26.16 17.28
CA PRO B 157 -9.74 27.41 17.59
C PRO B 157 -10.49 28.35 18.51
N GLU B 158 -11.77 28.61 18.23
CA GLU B 158 -12.53 29.51 19.08
C GLU B 158 -12.78 28.96 20.48
N ARG B 159 -12.29 27.75 20.79
CA ARG B 159 -12.37 27.18 22.12
C ARG B 159 -11.02 26.77 22.67
N ASP B 160 -9.99 26.67 21.83
CA ASP B 160 -8.65 26.25 22.23
C ASP B 160 -8.72 24.88 22.93
N GLU B 161 -9.19 23.90 22.18
CA GLU B 161 -9.46 22.58 22.74
C GLU B 161 -9.19 21.52 21.69
N TRP B 162 -8.70 20.38 22.16
CA TRP B 162 -8.43 19.21 21.33
C TRP B 162 -9.34 18.07 21.74
N HIS B 163 -9.74 17.26 20.77
CA HIS B 163 -10.62 16.13 21.03
C HIS B 163 -10.37 14.98 20.05
N LEU B 164 -10.07 13.81 20.59
CA LEU B 164 -9.81 12.64 19.76
C LEU B 164 -11.04 12.23 18.96
N VAL B 165 -10.84 11.86 17.70
CA VAL B 165 -11.92 11.45 16.83
C VAL B 165 -11.66 10.08 16.22
N ALA B 166 -12.46 9.70 15.23
CA ALA B 166 -12.31 8.41 14.57
C ALA B 166 -10.89 8.26 14.01
N PRO B 167 -10.17 7.25 14.50
CA PRO B 167 -8.79 6.97 14.06
C PRO B 167 -8.74 6.39 12.65
N MET B 168 -7.57 6.43 12.02
CA MET B 168 -7.41 5.90 10.68
C MET B 168 -7.35 4.39 10.71
N LEU B 169 -7.58 3.77 9.56
CA LEU B 169 -7.37 2.34 9.44
C LEU B 169 -5.90 1.98 9.38
N THR B 170 -5.04 2.95 9.04
CA THR B 170 -3.62 2.73 8.83
C THR B 170 -2.82 3.62 9.77
N ARG B 171 -1.69 3.10 10.23
CA ARG B 171 -0.71 3.91 10.94
C ARG B 171 0.13 4.66 9.91
N ARG B 172 0.22 5.98 10.06
CA ARG B 172 0.79 6.82 9.01
C ARG B 172 1.60 7.95 9.61
N ILE B 173 2.90 7.95 9.34
CA ILE B 173 3.73 9.14 9.48
C ILE B 173 4.23 9.51 8.09
N GLY B 174 4.67 10.75 7.95
CA GLY B 174 4.92 11.25 6.62
C GLY B 174 3.69 11.23 5.73
N VAL B 175 2.51 11.27 6.34
CA VAL B 175 1.26 11.21 5.61
C VAL B 175 0.99 12.56 4.97
N GLY B 176 0.40 12.54 3.78
CA GLY B 176 -0.14 13.73 3.15
C GLY B 176 -1.62 13.86 3.49
N VAL B 177 -2.06 15.10 3.68
CA VAL B 177 -3.43 15.36 4.10
C VAL B 177 -4.04 16.40 3.18
N ALA B 178 -5.29 16.17 2.81
CA ALA B 178 -6.00 17.10 1.93
C ALA B 178 -7.47 17.12 2.33
N VAL B 179 -8.19 18.18 1.96
CA VAL B 179 -9.62 18.25 2.21
C VAL B 179 -10.32 18.63 0.91
N LEU B 180 -11.25 17.77 0.49
CA LEU B 180 -12.02 17.99 -0.73
C LEU B 180 -13.49 17.77 -0.41
N ASN B 181 -14.33 18.74 -0.77
CA ASN B 181 -15.76 18.67 -0.52
C ASN B 181 -16.05 18.44 0.96
N ARG B 182 -15.23 19.06 1.81
CA ARG B 182 -15.29 18.89 3.28
C ARG B 182 -15.14 17.48 3.73
N LEU B 183 -14.30 16.77 3.04
CA LEU B 183 -13.93 15.43 3.36
C LEU B 183 -12.43 15.41 3.56
N LEU B 184 -11.98 14.67 4.57
CA LEU B 184 -10.56 14.62 4.88
C LEU B 184 -9.91 13.42 4.21
N TYR B 185 -8.72 13.61 3.67
CA TYR B 185 -8.02 12.57 2.94
C TYR B 185 -6.63 12.39 3.52
N ALA B 186 -6.31 11.16 3.91
CA ALA B 186 -4.98 10.76 4.36
C ALA B 186 -4.36 9.90 3.27
N VAL B 187 -3.19 10.30 2.78
CA VAL B 187 -2.62 9.79 1.55
C VAL B 187 -1.18 9.35 1.82
N GLY B 188 -0.86 8.12 1.44
CA GLY B 188 0.48 7.57 1.54
C GLY B 188 1.01 7.59 2.97
N GLY B 189 2.34 7.58 3.06
CA GLY B 189 2.98 7.62 4.35
C GLY B 189 3.80 6.39 4.67
N PHE B 190 4.03 6.15 5.97
CA PHE B 190 4.91 5.08 6.44
C PHE B 190 4.35 4.58 7.75
N ASP B 191 4.17 3.27 7.87
CA ASP B 191 3.58 2.68 9.08
C ASP B 191 4.63 2.15 10.04
N GLY B 192 5.91 2.43 9.80
CA GLY B 192 6.99 1.86 10.58
C GLY B 192 7.62 0.64 9.94
N THR B 193 6.92 -0.01 9.03
CA THR B 193 7.44 -1.17 8.31
C THR B 193 7.32 -1.03 6.80
N ASN B 194 6.20 -0.53 6.30
CA ASN B 194 5.96 -0.39 4.87
C ASN B 194 5.68 1.06 4.52
N ARG B 195 6.22 1.49 3.40
CA ARG B 195 5.77 2.73 2.78
C ARG B 195 4.49 2.46 2.00
N LEU B 196 3.64 3.48 1.89
CA LEU B 196 2.24 3.30 1.55
C LEU B 196 1.87 4.01 0.25
N ASN B 197 1.05 3.34 -0.56
CA ASN B 197 0.35 3.99 -1.66
C ASN B 197 -1.14 4.10 -1.41
N SER B 198 -1.64 3.51 -0.32
CA SER B 198 -3.06 3.57 -0.01
C SER B 198 -3.46 4.98 0.40
N ALA B 199 -4.72 5.31 0.17
CA ALA B 199 -5.33 6.52 0.67
C ALA B 199 -6.66 6.16 1.31
N GLU B 200 -7.03 6.91 2.33
CA GLU B 200 -8.31 6.72 3.00
C GLU B 200 -8.95 8.08 3.25
N CYS B 201 -10.26 8.04 3.51
CA CYS B 201 -11.09 9.21 3.54
C CYS B 201 -11.89 9.23 4.83
N TYR B 202 -11.91 10.39 5.46
CA TYR B 202 -12.63 10.62 6.70
C TYR B 202 -13.86 11.45 6.42
N TYR B 203 -15.03 10.92 6.86
CA TYR B 203 -16.32 11.56 6.71
C TYR B 203 -16.71 12.17 8.06
N PRO B 204 -16.62 13.49 8.22
CA PRO B 204 -16.92 14.08 9.55
C PRO B 204 -18.30 13.74 10.08
N GLU B 205 -19.35 13.91 9.29
CA GLU B 205 -20.73 13.72 9.74
C GLU B 205 -21.03 12.27 10.09
N ARG B 206 -20.09 11.38 9.81
CA ARG B 206 -20.27 9.96 10.10
C ARG B 206 -19.14 9.46 10.98
N ASN B 207 -18.08 10.26 11.09
CA ASN B 207 -16.91 9.92 11.89
C ASN B 207 -16.41 8.51 11.58
N GLU B 208 -16.21 8.23 10.30
CA GLU B 208 -15.76 6.91 9.87
C GLU B 208 -14.83 6.99 8.67
N TRP B 209 -13.69 6.31 8.78
CA TRP B 209 -12.70 6.25 7.73
C TRP B 209 -13.05 5.15 6.74
N ARG B 210 -12.82 5.42 5.46
CA ARG B 210 -13.16 4.51 4.37
C ARG B 210 -11.99 4.50 3.40
N MET B 211 -11.48 3.32 3.06
CA MET B 211 -10.40 3.25 2.10
C MET B 211 -10.88 3.64 0.72
N ILE B 212 -9.96 4.20 -0.08
CA ILE B 212 -10.26 4.56 -1.46
C ILE B 212 -9.21 3.92 -2.37
N THR B 213 -9.26 4.24 -3.66
CA THR B 213 -8.27 3.71 -4.59
C THR B 213 -6.87 4.16 -4.19
N ALA B 214 -5.93 3.23 -4.25
CA ALA B 214 -4.54 3.54 -3.94
C ALA B 214 -3.91 4.33 -5.09
N MET B 215 -2.88 5.10 -4.77
CA MET B 215 -2.13 5.80 -5.79
C MET B 215 -1.40 4.81 -6.68
N ASN B 216 -0.92 5.31 -7.82
CA ASN B 216 -0.07 4.50 -8.68
C ASN B 216 1.35 4.35 -8.14
N THR B 217 1.73 5.15 -7.15
CA THR B 217 3.07 5.12 -6.60
C THR B 217 3.02 5.12 -5.08
N ILE B 218 3.95 4.37 -4.48
CA ILE B 218 4.13 4.39 -3.04
C ILE B 218 4.87 5.68 -2.67
N ARG B 219 4.28 6.47 -1.78
CA ARG B 219 4.85 7.77 -1.41
C ARG B 219 4.78 7.97 0.09
N SER B 220 5.93 8.22 0.72
CA SER B 220 5.99 8.74 2.07
C SER B 220 6.75 10.06 2.05
N GLY B 221 6.31 11.00 2.88
CA GLY B 221 6.90 12.33 2.85
C GLY B 221 6.67 13.08 1.55
N ALA B 222 5.54 12.83 0.90
CA ALA B 222 5.20 13.58 -0.30
C ALA B 222 4.54 14.92 0.09
N GLY B 223 4.37 15.77 -0.92
CA GLY B 223 3.59 16.97 -0.78
C GLY B 223 2.20 16.72 -1.32
N VAL B 224 1.21 16.74 -0.43
CA VAL B 224 -0.18 16.48 -0.79
C VAL B 224 -0.98 17.74 -0.54
N CYS B 225 -1.80 18.11 -1.52
CA CYS B 225 -2.67 19.28 -1.38
C CYS B 225 -3.85 19.12 -2.33
N VAL B 226 -4.68 20.14 -2.40
CA VAL B 226 -5.86 20.11 -3.26
C VAL B 226 -5.84 21.24 -4.29
N LEU B 227 -5.59 20.88 -5.54
CA LEU B 227 -5.56 21.85 -6.62
C LEU B 227 -6.88 21.83 -7.39
N HIS B 228 -7.45 23.00 -7.62
CA HIS B 228 -8.73 23.15 -8.32
C HIS B 228 -9.80 22.23 -7.75
N ASN B 229 -9.90 21.02 -8.30
CA ASN B 229 -10.88 20.04 -7.84
C ASN B 229 -10.29 18.63 -7.83
N CYS B 230 -9.01 18.53 -7.53
CA CYS B 230 -8.32 17.25 -7.49
C CYS B 230 -7.36 17.18 -6.31
N ILE B 231 -6.96 15.96 -5.95
CA ILE B 231 -6.03 15.77 -4.83
C ILE B 231 -4.66 15.47 -5.42
N TYR B 232 -3.73 16.41 -5.29
CA TYR B 232 -2.39 16.23 -5.83
C TYR B 232 -1.47 15.65 -4.78
N ALA B 233 -0.66 14.67 -5.20
CA ALA B 233 0.44 14.11 -4.42
C ALA B 233 1.68 14.18 -5.30
N ALA B 234 2.68 14.94 -4.85
CA ALA B 234 3.90 15.18 -5.60
C ALA B 234 5.10 14.71 -4.80
N GLY B 235 6.07 14.12 -5.50
CA GLY B 235 7.30 13.68 -4.88
C GLY B 235 7.09 12.58 -3.85
N GLY B 236 8.04 12.51 -2.93
CA GLY B 236 8.01 11.56 -1.83
C GLY B 236 9.18 10.60 -1.90
N TYR B 237 9.12 9.60 -1.02
CA TYR B 237 10.15 8.56 -0.93
C TYR B 237 9.45 7.22 -0.82
N ASP B 238 9.79 6.33 -1.73
CA ASP B 238 9.19 5.05 -1.76
C ASP B 238 9.98 3.99 -1.08
N GLY B 239 11.06 4.38 -0.43
CA GLY B 239 11.92 3.45 0.26
C GLY B 239 13.11 3.07 -0.58
N GLN B 240 13.00 3.32 -1.89
CA GLN B 240 14.07 3.00 -2.82
C GLN B 240 14.72 4.27 -3.35
N ASP B 241 13.89 5.27 -3.66
CA ASP B 241 14.39 6.53 -4.19
C ASP B 241 13.42 7.69 -4.00
N GLN B 242 13.92 8.91 -4.11
CA GLN B 242 13.09 10.06 -3.97
C GLN B 242 12.36 10.18 -5.29
N LEU B 243 11.17 10.67 -5.30
CA LEU B 243 10.38 10.70 -6.53
C LEU B 243 10.20 12.13 -7.00
N ASN B 244 10.12 12.30 -8.32
CA ASN B 244 9.68 13.56 -8.91
C ASN B 244 8.35 13.44 -9.62
N SER B 245 7.77 12.24 -9.67
CA SER B 245 6.47 12.07 -10.30
C SER B 245 5.37 12.71 -9.45
N VAL B 246 4.30 13.11 -10.13
CA VAL B 246 3.19 13.83 -9.52
C VAL B 246 1.91 13.23 -10.04
N GLU B 247 0.98 12.89 -9.15
CA GLU B 247 -0.30 12.33 -9.58
C GLU B 247 -1.44 12.96 -8.80
N ARG B 248 -2.59 13.10 -9.47
CA ARG B 248 -3.76 13.71 -8.88
C ARG B 248 -4.94 12.75 -8.92
N TYR B 249 -5.76 12.81 -7.88
CA TYR B 249 -6.93 11.96 -7.70
C TYR B 249 -8.17 12.75 -8.07
N ASP B 250 -8.99 12.16 -8.93
CA ASP B 250 -10.30 12.66 -9.31
C ASP B 250 -11.36 11.85 -8.58
N VAL B 251 -12.28 12.57 -7.92
CA VAL B 251 -13.24 11.95 -7.02
C VAL B 251 -14.34 11.24 -7.78
N ALA B 252 -14.94 11.93 -8.76
CA ALA B 252 -16.07 11.36 -9.48
C ALA B 252 -15.71 10.06 -10.19
N THR B 253 -14.50 10.00 -10.76
CA THR B 253 -14.03 8.79 -11.40
C THR B 253 -13.23 7.89 -10.47
N ALA B 254 -12.93 8.37 -9.25
CA ALA B 254 -12.13 7.63 -8.29
C ALA B 254 -10.84 7.13 -8.93
N THR B 255 -10.10 8.04 -9.55
CA THR B 255 -8.99 7.64 -10.41
C THR B 255 -7.78 8.52 -10.16
N TRP B 256 -6.61 7.90 -10.06
CA TRP B 256 -5.34 8.61 -9.97
C TRP B 256 -4.72 8.72 -11.35
N THR B 257 -4.24 9.91 -11.69
CA THR B 257 -3.67 10.21 -13.00
C THR B 257 -2.36 10.94 -12.82
N PHE B 258 -1.32 10.48 -13.50
CA PHE B 258 -0.06 11.21 -13.50
C PHE B 258 -0.21 12.53 -14.27
N VAL B 259 0.52 13.54 -13.81
CA VAL B 259 0.64 14.79 -14.56
C VAL B 259 2.12 14.98 -14.86
N ALA B 260 2.54 16.22 -15.11
CA ALA B 260 3.94 16.47 -15.39
C ALA B 260 4.76 16.27 -14.12
N PRO B 261 5.91 15.60 -14.22
CA PRO B 261 6.78 15.46 -13.05
C PRO B 261 7.57 16.73 -12.79
N MET B 262 7.96 16.91 -11.53
CA MET B 262 8.84 18.02 -11.20
C MET B 262 10.23 17.80 -11.82
N LYS B 263 11.03 18.85 -11.80
CA LYS B 263 12.39 18.76 -12.31
C LYS B 263 13.32 18.04 -11.35
N HIS B 264 13.07 18.14 -10.04
CA HIS B 264 13.95 17.58 -9.03
C HIS B 264 13.15 16.68 -8.09
N ARG B 265 13.53 15.41 -8.03
CA ARG B 265 12.92 14.51 -7.06
C ARG B 265 13.15 15.02 -5.64
N ARG B 266 12.14 14.86 -4.78
CA ARG B 266 12.25 15.37 -3.43
C ARG B 266 11.24 14.67 -2.54
N SER B 267 11.63 14.49 -1.28
CA SER B 267 10.75 14.05 -0.22
C SER B 267 10.87 15.03 0.94
N ALA B 268 9.90 14.95 1.87
CA ALA B 268 9.85 15.85 3.03
C ALA B 268 9.81 17.31 2.59
N LEU B 269 8.89 17.61 1.67
CA LEU B 269 8.76 18.92 1.06
C LEU B 269 7.52 19.63 1.58
N GLY B 270 7.52 20.95 1.47
CA GLY B 270 6.34 21.75 1.78
C GLY B 270 5.59 22.07 0.51
N ILE B 271 4.26 22.05 0.59
CA ILE B 271 3.43 22.23 -0.58
C ILE B 271 2.28 23.18 -0.24
N THR B 272 1.89 23.99 -1.22
CA THR B 272 0.72 24.85 -1.00
C THR B 272 0.14 25.22 -2.36
N VAL B 273 -1.02 25.88 -2.35
CA VAL B 273 -1.62 26.42 -3.56
C VAL B 273 -1.70 27.94 -3.42
N HIS B 274 -1.21 28.65 -4.43
CA HIS B 274 -1.26 30.10 -4.49
C HIS B 274 -1.70 30.49 -5.89
N GLN B 275 -2.78 31.27 -5.98
CA GLN B 275 -3.26 31.79 -7.25
C GLN B 275 -3.57 30.64 -8.23
N GLY B 276 -4.11 29.56 -7.70
CA GLY B 276 -4.42 28.40 -8.51
C GLY B 276 -3.22 27.74 -9.16
N ARG B 277 -2.04 27.88 -8.55
CA ARG B 277 -0.84 27.20 -8.98
C ARG B 277 -0.20 26.53 -7.77
N ILE B 278 0.57 25.47 -8.00
CA ILE B 278 1.11 24.69 -6.87
C ILE B 278 2.58 25.03 -6.68
N TYR B 279 2.96 25.37 -5.45
CA TYR B 279 4.36 25.60 -5.13
C TYR B 279 4.83 24.50 -4.20
N VAL B 280 6.05 24.03 -4.46
CA VAL B 280 6.70 23.02 -3.64
C VAL B 280 8.06 23.59 -3.24
N LEU B 281 8.36 23.52 -1.93
CA LEU B 281 9.50 24.20 -1.34
C LEU B 281 10.33 23.22 -0.53
N GLY B 282 11.63 23.22 -0.79
CA GLY B 282 12.57 22.48 0.04
C GLY B 282 12.53 20.98 -0.22
N GLY B 283 12.91 20.23 0.80
CA GLY B 283 12.90 18.78 0.76
C GLY B 283 14.30 18.20 0.82
N TYR B 284 14.34 16.87 0.73
CA TYR B 284 15.57 16.10 0.73
C TYR B 284 15.55 15.19 -0.50
N ASP B 285 16.68 15.12 -1.22
CA ASP B 285 16.76 14.34 -2.44
C ASP B 285 17.62 13.10 -2.29
N GLY B 286 18.08 12.80 -1.08
CA GLY B 286 18.95 11.66 -0.81
C GLY B 286 20.36 12.05 -0.43
N HIS B 287 20.83 13.20 -0.91
CA HIS B 287 22.17 13.69 -0.58
C HIS B 287 22.20 15.17 -0.22
N THR B 288 21.22 15.97 -0.61
CA THR B 288 21.26 17.42 -0.44
C THR B 288 19.91 17.90 0.08
N PHE B 289 19.95 18.87 1.00
CA PHE B 289 18.75 19.55 1.46
C PHE B 289 18.43 20.65 0.46
N LEU B 290 17.33 20.49 -0.28
CA LEU B 290 17.00 21.38 -1.38
C LEU B 290 16.60 22.77 -0.88
N ASP B 291 16.99 23.78 -1.65
CA ASP B 291 16.43 25.12 -1.52
C ASP B 291 15.56 25.49 -2.72
N SER B 292 15.50 24.63 -3.73
CA SER B 292 14.69 24.88 -4.93
C SER B 292 13.23 25.06 -4.54
N VAL B 293 12.56 26.00 -5.21
CA VAL B 293 11.11 26.13 -5.12
C VAL B 293 10.55 25.98 -6.53
N GLU B 294 9.73 24.95 -6.73
CA GLU B 294 9.17 24.66 -8.04
C GLU B 294 7.70 25.02 -8.08
N CYS B 295 7.23 25.42 -9.26
CA CYS B 295 5.85 25.85 -9.47
C CYS B 295 5.24 25.06 -10.61
N TYR B 296 4.06 24.52 -10.38
CA TYR B 296 3.28 23.80 -11.36
C TYR B 296 2.09 24.65 -11.77
N ASP B 297 1.95 24.89 -13.08
CA ASP B 297 0.75 25.49 -13.63
C ASP B 297 -0.13 24.41 -14.24
N PRO B 298 -1.36 24.24 -13.77
CA PRO B 298 -2.19 23.14 -14.27
C PRO B 298 -2.61 23.28 -15.72
N ASP B 299 -2.88 24.51 -16.19
CA ASP B 299 -3.48 24.66 -17.52
C ASP B 299 -2.48 24.33 -18.61
N THR B 300 -1.18 24.46 -18.36
CA THR B 300 -0.16 24.01 -19.30
C THR B 300 0.55 22.72 -18.87
N ASP B 301 0.35 22.27 -17.63
CA ASP B 301 0.95 21.03 -17.13
C ASP B 301 2.48 21.06 -17.28
N THR B 302 3.09 22.07 -16.68
CA THR B 302 4.54 22.19 -16.67
C THR B 302 5.00 22.72 -15.32
N TRP B 303 6.19 22.30 -14.91
CA TRP B 303 6.80 22.73 -13.68
C TRP B 303 7.87 23.77 -13.98
N SER B 304 7.81 24.91 -13.29
CA SER B 304 8.71 26.03 -13.51
C SER B 304 9.41 26.38 -12.22
N GLU B 305 10.75 26.45 -12.27
CA GLU B 305 11.52 26.76 -11.08
C GLU B 305 11.45 28.25 -10.81
N VAL B 306 10.81 28.62 -9.70
CA VAL B 306 10.55 30.02 -9.39
C VAL B 306 11.80 30.67 -8.80
N THR B 307 12.38 30.02 -7.80
CA THR B 307 13.28 30.69 -6.87
C THR B 307 14.07 29.64 -6.11
N ARG B 308 14.95 30.13 -5.27
CA ARG B 308 15.61 29.36 -4.23
C ARG B 308 15.04 29.82 -2.88
N MET B 309 15.07 28.92 -1.90
CA MET B 309 14.92 29.40 -0.54
C MET B 309 16.24 30.05 -0.10
N THR B 310 16.18 30.78 1.01
CA THR B 310 17.41 31.41 1.50
C THR B 310 18.45 30.36 1.88
N SER B 311 18.01 29.16 2.27
CA SER B 311 18.90 28.07 2.57
C SER B 311 18.13 26.76 2.45
N GLY B 312 18.81 25.72 1.98
CA GLY B 312 18.14 24.44 1.83
C GLY B 312 17.69 23.88 3.17
N ARG B 313 16.54 23.21 3.15
CA ARG B 313 15.98 22.64 4.37
C ARG B 313 14.85 21.68 3.98
N SER B 314 14.52 20.81 4.93
CA SER B 314 13.50 19.77 4.72
C SER B 314 12.55 19.75 5.90
N GLY B 315 11.35 19.22 5.66
CA GLY B 315 10.39 18.99 6.72
C GLY B 315 9.73 20.23 7.27
N VAL B 316 9.46 21.22 6.43
CA VAL B 316 8.84 22.47 6.85
C VAL B 316 7.34 22.32 6.90
N GLY B 317 6.67 23.30 7.52
CA GLY B 317 5.22 23.46 7.41
C GLY B 317 4.94 24.69 6.57
N VAL B 318 4.02 24.55 5.62
CA VAL B 318 3.75 25.61 4.64
C VAL B 318 2.26 25.93 4.67
N ALA B 319 1.94 27.22 4.51
CA ALA B 319 0.56 27.64 4.32
C ALA B 319 0.57 29.00 3.64
N VAL B 320 -0.63 29.55 3.41
CA VAL B 320 -0.79 30.83 2.73
C VAL B 320 -1.84 31.65 3.46
N THR B 321 -1.52 32.91 3.73
CA THR B 321 -2.45 33.84 4.35
C THR B 321 -2.03 35.27 4.04
N ASP C 2 18.45 9.79 7.98
CA ASP C 2 17.14 9.34 7.54
C ASP C 2 17.03 9.46 6.03
N PRO C 3 16.69 8.36 5.35
CA PRO C 3 16.67 8.38 3.88
C PRO C 3 15.58 9.25 3.29
N GLU C 4 14.54 9.59 4.07
CA GLU C 4 13.39 10.32 3.58
C GLU C 4 13.40 11.79 3.96
N THR C 5 13.70 12.11 5.21
CA THR C 5 13.77 13.49 5.67
C THR C 5 15.19 14.01 5.82
N GLY C 6 16.19 13.14 5.83
CA GLY C 6 17.57 13.56 5.94
C GLY C 6 18.08 13.81 7.34
N GLU C 7 17.18 13.96 8.32
CA GLU C 7 17.56 14.30 9.69
C GLU C 7 18.51 13.27 10.30
#